data_2BXT
#
_entry.id   2BXT
#
_cell.length_a   70.505
_cell.length_b   71.917
_cell.length_c   72.522
_cell.angle_alpha   90.00
_cell.angle_beta   100.35
_cell.angle_gamma   90.00
#
_symmetry.space_group_name_H-M   'C 1 2 1'
#
loop_
_entity.id
_entity.type
_entity.pdbx_description
1 polymer 'ALPHA THROMBIN'
2 polymer 'HIRUDIN VARIANT-2'
3 polymer 'ALPHA THROMBIN'
4 non-polymer 6-CHLORO-1-(2-{[(5-CHLORO-1-BENZOTHIEN-3-YL)METHYL]AMINO}ETHYL)-3-[(2-PYRIDIN-2-YLETHYL)AMINO]-1,4-DIHYDROPYRAZIN-2-OL
5 water water
#
loop_
_entity_poly.entity_id
_entity_poly.type
_entity_poly.pdbx_seq_one_letter_code
_entity_poly.pdbx_strand_id
1 'polypeptide(L)'
;IVEGSDAEIGMSPWQVMLFRKSPQELLCGASLISDRWVLTAAHCLLYPPWDKNFTENDLLVRIGKHSRTRYERNIEKISM
LEKIYIHPRYNWRENLDRDIALMKLKKPVAFSDYIHPVCLPDRETAASLLQAGYKGRVTGWGNLKETWTANVGKGQPSVL
QVVNLPIVERPVCKDSTRIRITDNMFCAGYKPDEGKRGDACEGDSGGPFVMKSPFNNRWYQMGIVSWGEGCDRDGKYGFY
THVFRLKKWIQKVIDQFGE
;
H
2 'polypeptide(L)' GDFEEIPEE(TYS)L I
3 'polypeptide(L)' TFGSGEADCGLRPLFEKKSLEDKTERELLESYIDGR L
#
loop_
_chem_comp.id
_chem_comp.type
_chem_comp.name
_chem_comp.formula
C2D non-polymer 6-CHLORO-1-(2-{[(5-CHLORO-1-BENZOTHIEN-3-YL)METHYL]AMINO}ETHYL)-3-[(2-PYRIDIN-2-YLETHYL)AMINO]-1,4-DIHYDROPYRAZIN-2-OL 'C22 H31 Cl2 N5 O S'
#
# COMPACT_ATOMS: atom_id res chain seq x y z
N ILE A 1 4.39 1.90 -10.14
CA ILE A 1 5.69 1.36 -9.68
C ILE A 1 6.69 1.47 -10.83
N VAL A 2 7.83 2.09 -10.56
CA VAL A 2 8.91 2.28 -11.53
C VAL A 2 10.00 1.22 -11.30
N GLU A 3 10.43 0.56 -12.37
CA GLU A 3 11.45 -0.48 -12.31
C GLU A 3 11.04 -1.67 -11.45
N GLY A 4 9.74 -1.95 -11.45
CA GLY A 4 9.19 -3.13 -10.79
C GLY A 4 9.05 -4.27 -11.77
N SER A 5 8.33 -5.31 -11.36
CA SER A 5 8.01 -6.43 -12.24
C SER A 5 6.57 -6.83 -12.00
N ASP A 6 6.01 -7.61 -12.93
CA ASP A 6 4.65 -8.10 -12.78
C ASP A 6 4.57 -8.96 -11.52
N ALA A 7 3.54 -8.75 -10.72
CA ALA A 7 3.28 -9.59 -9.56
C ALA A 7 2.93 -11.01 -10.02
N GLU A 8 3.23 -11.99 -9.16
CA GLU A 8 2.73 -13.36 -9.36
C GLU A 8 1.28 -13.41 -8.88
N ILE A 9 0.50 -14.36 -9.38
CA ILE A 9 -0.88 -14.51 -8.93
C ILE A 9 -0.90 -14.83 -7.41
N GLY A 10 -1.73 -14.09 -6.66
CA GLY A 10 -1.83 -14.25 -5.21
C GLY A 10 -0.62 -13.82 -4.40
N MET A 11 0.29 -13.06 -5.00
CA MET A 11 1.51 -12.64 -4.32
C MET A 11 1.21 -11.56 -3.26
N SER A 12 0.18 -10.76 -3.50
CA SER A 12 -0.22 -9.70 -2.57
C SER A 12 -1.72 -9.72 -2.37
N PRO A 13 -2.23 -10.74 -1.70
CA PRO A 13 -3.68 -10.93 -1.64
C PRO A 13 -4.43 -9.92 -0.76
N TRP A 14 -3.67 -9.07 -0.07
CA TRP A 14 -4.20 -7.95 0.69
C TRP A 14 -4.27 -6.66 -0.15
N GLN A 15 -3.77 -6.69 -1.38
CA GLN A 15 -3.75 -5.47 -2.19
C GLN A 15 -5.18 -5.08 -2.53
N VAL A 16 -5.48 -3.80 -2.36
CA VAL A 16 -6.80 -3.27 -2.66
C VAL A 16 -6.65 -2.11 -3.66
N MET A 17 -7.61 -2.02 -4.58
CA MET A 17 -7.69 -0.89 -5.49
C MET A 17 -8.84 -0.01 -5.05
N LEU A 18 -8.55 1.28 -4.84
CA LEU A 18 -9.56 2.29 -4.58
C LEU A 18 -9.97 2.84 -5.95
N PHE A 19 -11.27 2.73 -6.22
CA PHE A 19 -11.82 2.91 -7.55
C PHE A 19 -12.97 3.93 -7.51
N ARG A 20 -12.87 4.97 -8.33
CA ARG A 20 -13.89 6.01 -8.42
C ARG A 20 -15.08 5.48 -9.23
N LYS A 21 -16.29 5.71 -8.74
CA LYS A 21 -17.50 5.25 -9.43
C LYS A 21 -17.75 5.96 -10.77
N SER A 22 -17.46 7.26 -10.83
CA SER A 22 -17.69 8.06 -12.03
C SER A 22 -16.84 9.33 -12.06
N PRO A 23 -15.93 9.46 -13.04
CA PRO A 23 -15.61 8.46 -14.07
C PRO A 23 -15.00 7.20 -13.44
N GLN A 24 -15.22 6.05 -14.06
CA GLN A 24 -14.72 4.78 -13.54
C GLN A 24 -13.21 4.70 -13.73
N GLU A 25 -12.46 4.94 -12.66
CA GLU A 25 -11.01 4.98 -12.74
C GLU A 25 -10.32 4.64 -11.41
N LEU A 26 -9.08 4.18 -11.52
CA LEU A 26 -8.22 3.94 -10.36
C LEU A 26 -7.93 5.27 -9.67
N LEU A 27 -8.09 5.30 -8.35
CA LEU A 27 -7.73 6.46 -7.54
C LEU A 27 -6.45 6.22 -6.75
N CYS A 28 -6.36 5.07 -6.10
CA CYS A 28 -5.27 4.82 -5.15
C CYS A 28 -5.16 3.34 -4.87
N GLY A 29 -4.06 2.96 -4.23
CA GLY A 29 -3.95 1.64 -3.64
C GLY A 29 -4.44 1.68 -2.21
N ALA A 30 -4.52 0.49 -1.63
CA ALA A 30 -5.01 0.32 -0.29
C ALA A 30 -4.68 -1.11 0.12
N SER A 31 -5.01 -1.47 1.36
CA SER A 31 -4.74 -2.82 1.85
C SER A 31 -5.84 -3.37 2.74
N LEU A 32 -6.02 -4.68 2.68
CA LEU A 32 -7.02 -5.36 3.47
C LEU A 32 -6.39 -5.84 4.78
N ILE A 33 -6.93 -5.37 5.90
CA ILE A 33 -6.39 -5.72 7.22
C ILE A 33 -7.36 -6.60 8.03
N SER A 34 -8.60 -6.76 7.56
CA SER A 34 -9.54 -7.76 8.13
C SER A 34 -10.64 -7.98 7.10
N ASP A 35 -11.70 -8.73 7.46
CA ASP A 35 -12.78 -8.98 6.51
C ASP A 35 -13.64 -7.75 6.22
N ARG A 36 -13.50 -6.70 7.03
CA ARG A 36 -14.32 -5.50 6.85
C ARG A 36 -13.56 -4.16 6.95
N TRP A 37 -12.24 -4.19 7.04
CA TRP A 37 -11.47 -2.95 7.22
C TRP A 37 -10.36 -2.86 6.19
N VAL A 38 -10.27 -1.69 5.54
CA VAL A 38 -9.25 -1.43 4.53
C VAL A 38 -8.45 -0.21 4.96
N LEU A 39 -7.13 -0.28 4.80
CA LEU A 39 -6.21 0.78 5.18
C LEU A 39 -5.70 1.49 3.93
N THR A 40 -5.62 2.82 3.97
CA THR A 40 -5.04 3.57 2.86
C THR A 40 -4.41 4.87 3.36
N ALA A 41 -3.99 5.72 2.44
CA ALA A 41 -3.46 7.05 2.79
C ALA A 41 -4.59 8.07 2.84
N ALA A 42 -4.54 8.94 3.86
CA ALA A 42 -5.52 10.01 3.97
C ALA A 42 -5.59 10.86 2.70
N HIS A 43 -4.45 11.12 2.06
CA HIS A 43 -4.43 12.03 0.92
C HIS A 43 -5.13 11.46 -0.30
N CYS A 44 -5.37 10.15 -0.29
CA CYS A 44 -6.18 9.51 -1.32
C CYS A 44 -7.64 9.94 -1.22
N LEU A 45 -8.08 10.33 -0.03
CA LEU A 45 -9.46 10.69 0.24
C LEU A 45 -9.67 12.19 0.45
N LEU A 46 -8.65 12.87 0.99
CA LEU A 46 -8.77 14.28 1.38
C LEU A 46 -7.46 15.01 1.12
N TYR A 47 -7.49 15.95 0.18
CA TYR A 47 -6.36 16.81 -0.12
C TYR A 47 -6.86 18.13 -0.72
N PRO A 48 -7.31 19.06 0.15
CA PRO A 48 -7.86 20.35 -0.29
C PRO A 48 -7.06 21.17 -1.31
N PRO A 49 -5.71 21.14 -1.26
CA PRO A 49 -4.99 21.88 -2.30
C PRO A 49 -5.34 21.47 -3.74
N TRP A 50 -5.82 20.24 -3.93
CA TRP A 50 -6.27 19.78 -5.26
C TRP A 50 -7.77 19.59 -5.32
N ASP A 51 -8.52 20.23 -4.40
CA ASP A 51 -9.97 20.07 -4.29
C ASP A 51 -10.42 18.61 -4.21
N LYS A 52 -9.65 17.80 -3.47
CA LYS A 52 -9.97 16.40 -3.28
C LYS A 52 -10.60 16.23 -1.89
N ASN A 53 -11.85 15.78 -1.87
CA ASN A 53 -12.53 15.40 -0.63
C ASN A 53 -13.62 14.40 -0.97
N PHE A 54 -13.25 13.12 -1.08
CA PHE A 54 -14.20 12.08 -1.46
C PHE A 54 -15.09 11.68 -0.30
N THR A 55 -16.32 11.30 -0.61
CA THR A 55 -17.25 10.75 0.37
C THR A 55 -17.41 9.25 0.13
N GLU A 56 -18.01 8.56 1.09
CA GLU A 56 -18.25 7.11 0.99
C GLU A 56 -18.89 6.73 -0.36
N ASN A 57 -19.93 7.45 -0.77
CA ASN A 57 -20.65 7.11 -2.00
C ASN A 57 -19.91 7.37 -3.31
N ASP A 58 -18.77 8.06 -3.24
CA ASP A 58 -17.96 8.34 -4.44
C ASP A 58 -17.11 7.15 -4.89
N LEU A 59 -16.88 6.20 -4.00
CA LEU A 59 -15.80 5.22 -4.17
C LEU A 59 -16.27 3.78 -4.03
N LEU A 60 -15.48 2.88 -4.64
CA LEU A 60 -15.59 1.45 -4.38
C LEU A 60 -14.21 0.89 -4.03
N VAL A 61 -14.21 -0.24 -3.33
CA VAL A 61 -12.99 -1.01 -3.09
C VAL A 61 -13.06 -2.28 -3.94
N ARG A 62 -11.99 -2.58 -4.68
CA ARG A 62 -11.89 -3.80 -5.47
C ARG A 62 -10.74 -4.65 -4.91
N ILE A 63 -11.09 -5.86 -4.48
CA ILE A 63 -10.19 -6.73 -3.75
C ILE A 63 -9.98 -8.02 -4.56
N GLY A 64 -8.78 -8.58 -4.49
CA GLY A 64 -8.43 -9.81 -5.21
C GLY A 64 -7.97 -9.61 -6.64
N LYS A 65 -7.54 -8.40 -6.99
CA LYS A 65 -7.26 -8.06 -8.38
C LYS A 65 -5.82 -8.29 -8.77
N HIS A 66 -5.63 -8.52 -10.07
CA HIS A 66 -4.34 -8.64 -10.68
C HIS A 66 -4.22 -7.66 -11.84
N SER A 67 -5.08 -7.82 -12.83
CA SER A 67 -5.16 -6.87 -13.94
C SER A 67 -5.61 -5.49 -13.45
N ARG A 68 -5.00 -4.44 -13.98
CA ARG A 68 -5.38 -3.06 -13.65
C ARG A 68 -6.79 -2.73 -14.13
N THR A 69 -7.05 -3.01 -15.41
CA THR A 69 -8.24 -2.45 -16.07
C THR A 69 -9.42 -3.38 -16.24
N ARG A 70 -9.19 -4.69 -16.20
CA ARG A 70 -10.26 -5.62 -16.52
C ARG A 70 -11.09 -5.99 -15.31
N TYR A 71 -12.36 -6.33 -15.54
CA TYR A 71 -13.22 -6.83 -14.49
C TYR A 71 -12.97 -8.32 -14.36
N GLU A 72 -12.31 -8.70 -13.28
CA GLU A 72 -11.85 -10.06 -13.07
C GLU A 72 -12.95 -10.91 -12.46
N ARG A 73 -13.86 -11.30 -13.33
CA ARG A 73 -15.04 -12.06 -12.96
C ARG A 73 -14.64 -13.36 -12.26
N ASN A 74 -15.39 -13.70 -11.22
CA ASN A 74 -15.17 -14.89 -10.38
C ASN A 74 -13.92 -14.84 -9.51
N ILE A 75 -13.23 -13.70 -9.49
CA ILE A 75 -11.95 -13.56 -8.77
C ILE A 75 -12.01 -12.34 -7.86
N GLU A 76 -12.12 -11.15 -8.46
CA GLU A 76 -12.15 -9.96 -7.62
C GLU A 76 -13.49 -9.83 -6.93
N LYS A 77 -13.49 -9.12 -5.81
CA LYS A 77 -14.70 -8.76 -5.11
C LYS A 77 -14.75 -7.24 -5.00
N ILE A 78 -15.92 -6.67 -5.31
CA ILE A 78 -16.10 -5.22 -5.28
C ILE A 78 -17.00 -4.87 -4.11
N SER A 79 -16.55 -3.93 -3.28
CA SER A 79 -17.27 -3.60 -2.06
C SER A 79 -17.55 -2.11 -1.95
N MET A 80 -18.66 -1.80 -1.27
CA MET A 80 -19.08 -0.43 -1.03
C MET A 80 -18.59 -0.03 0.35
N LEU A 81 -18.44 1.27 0.56
CA LEU A 81 -17.94 1.79 1.83
C LEU A 81 -19.08 2.16 2.75
N GLU A 82 -18.95 1.77 4.01
CA GLU A 82 -19.88 2.18 5.05
C GLU A 82 -19.43 3.49 5.69
N LYS A 83 -18.13 3.62 5.94
CA LYS A 83 -17.61 4.81 6.60
C LYS A 83 -16.12 4.97 6.36
N ILE A 84 -15.71 6.21 6.13
CA ILE A 84 -14.32 6.63 6.03
C ILE A 84 -13.92 7.27 7.36
N TYR A 85 -12.71 6.94 7.85
CA TYR A 85 -12.13 7.58 9.02
C TYR A 85 -10.75 8.10 8.67
N ILE A 86 -10.54 9.40 8.82
CA ILE A 86 -9.24 10.02 8.52
C ILE A 86 -8.57 10.40 9.83
N HIS A 87 -7.26 10.23 9.94
CA HIS A 87 -6.59 10.58 11.19
C HIS A 87 -6.90 12.05 11.52
N PRO A 88 -7.39 12.34 12.75
CA PRO A 88 -7.75 13.71 13.12
C PRO A 88 -6.60 14.72 13.09
N ARG A 89 -5.36 14.23 13.14
CA ARG A 89 -4.18 15.11 13.02
C ARG A 89 -3.41 14.92 11.71
N TYR A 90 -4.05 14.32 10.71
CA TYR A 90 -3.53 14.34 9.33
C TYR A 90 -3.23 15.76 8.89
N ASN A 91 -1.95 16.02 8.58
CA ASN A 91 -1.46 17.35 8.21
C ASN A 91 -1.36 17.52 6.68
N TRP A 92 -2.49 17.80 6.05
CA TRP A 92 -2.51 18.10 4.62
C TRP A 92 -1.98 19.50 4.29
N ARG A 93 -1.93 20.37 5.30
CA ARG A 93 -1.50 21.75 5.08
C ARG A 93 0.00 21.87 4.79
N GLU A 94 0.81 21.01 5.42
CA GLU A 94 2.26 21.13 5.32
C GLU A 94 2.93 19.94 4.64
N ASN A 95 2.99 18.81 5.32
CA ASN A 95 3.89 17.73 4.94
C ASN A 95 3.27 16.33 4.88
N LEU A 96 1.92 16.24 4.93
CA LEU A 96 1.22 14.95 4.96
C LEU A 96 1.61 14.08 6.17
N ASP A 97 1.98 14.70 7.26
CA ASP A 97 2.20 13.99 8.52
C ASP A 97 0.92 13.25 8.92
N ARG A 98 1.09 12.00 9.37
CA ARG A 98 -0.02 11.11 9.77
C ARG A 98 -0.95 10.86 8.58
N ASP A 99 -0.36 10.45 7.46
CA ASP A 99 -1.08 10.22 6.22
C ASP A 99 -1.70 8.82 6.25
N ILE A 100 -2.82 8.71 6.93
CA ILE A 100 -3.46 7.42 7.17
C ILE A 100 -4.99 7.56 7.26
N ALA A 101 -5.69 6.56 6.73
CA ALA A 101 -7.14 6.52 6.76
C ALA A 101 -7.61 5.09 6.78
N LEU A 102 -8.74 4.85 7.46
CA LEU A 102 -9.41 3.54 7.45
C LEU A 102 -10.75 3.64 6.74
N MET A 103 -11.14 2.54 6.11
CA MET A 103 -12.40 2.44 5.40
C MET A 103 -13.10 1.16 5.85
N LYS A 104 -14.29 1.32 6.42
CA LYS A 104 -15.12 0.18 6.83
C LYS A 104 -16.04 -0.20 5.67
N LEU A 105 -16.04 -1.48 5.31
CA LEU A 105 -16.86 -1.97 4.20
C LEU A 105 -18.30 -2.24 4.65
N LYS A 106 -19.26 -2.10 3.74
CA LYS A 106 -20.67 -2.30 4.08
C LYS A 106 -20.94 -3.74 4.52
N LYS A 107 -20.32 -4.71 3.85
CA LYS A 107 -20.42 -6.12 4.27
C LYS A 107 -19.02 -6.73 4.29
N PRO A 108 -18.78 -7.72 5.18
CA PRO A 108 -17.48 -8.38 5.15
C PRO A 108 -17.21 -9.08 3.82
N VAL A 109 -15.93 -9.20 3.47
CA VAL A 109 -15.53 -9.84 2.23
C VAL A 109 -15.13 -11.29 2.53
N ALA A 110 -15.42 -12.19 1.60
CA ALA A 110 -15.02 -13.58 1.73
C ALA A 110 -13.56 -13.74 1.31
N PHE A 111 -12.77 -14.38 2.16
CA PHE A 111 -11.38 -14.65 1.82
C PHE A 111 -11.30 -15.79 0.82
N SER A 112 -10.22 -15.80 0.04
CA SER A 112 -10.03 -16.76 -1.03
C SER A 112 -8.55 -16.91 -1.30
N ASP A 113 -8.19 -17.65 -2.35
CA ASP A 113 -6.80 -17.73 -2.78
C ASP A 113 -6.20 -16.36 -3.12
N TYR A 114 -7.06 -15.42 -3.49
CA TYR A 114 -6.65 -14.11 -4.01
C TYR A 114 -6.94 -12.96 -3.05
N ILE A 115 -7.65 -13.26 -1.96
CA ILE A 115 -8.11 -12.25 -0.99
C ILE A 115 -7.77 -12.73 0.42
N HIS A 116 -6.84 -12.03 1.08
CA HIS A 116 -6.40 -12.42 2.40
C HIS A 116 -5.75 -11.21 3.10
N PRO A 117 -6.04 -11.02 4.39
CA PRO A 117 -5.52 -9.84 5.05
C PRO A 117 -4.03 -9.91 5.43
N VAL A 118 -3.41 -8.73 5.46
CA VAL A 118 -2.02 -8.58 5.91
C VAL A 118 -2.03 -8.31 7.42
N CYS A 119 -0.93 -8.61 8.09
CA CYS A 119 -0.83 -8.32 9.52
C CYS A 119 -0.40 -6.87 9.76
N LEU A 120 -0.86 -6.30 10.87
CA LEU A 120 -0.29 -5.03 11.34
C LEU A 120 0.75 -5.33 12.42
N PRO A 121 1.89 -4.61 12.40
CA PRO A 121 2.99 -4.91 13.31
C PRO A 121 2.74 -4.58 14.80
N ASP A 122 3.18 -5.49 15.66
CA ASP A 122 3.32 -5.24 17.08
C ASP A 122 4.58 -4.42 17.28
N ARG A 123 4.76 -3.87 18.49
CA ARG A 123 5.93 -3.02 18.79
C ARG A 123 7.26 -3.72 18.50
N GLU A 124 7.32 -4.99 18.82
CA GLU A 124 8.56 -5.76 18.76
C GLU A 124 8.96 -6.09 17.30
N THR A 125 7.98 -6.50 16.49
CA THR A 125 8.22 -6.71 15.07
C THR A 125 8.66 -5.39 14.40
N ALA A 126 7.98 -4.30 14.73
CA ALA A 126 8.34 -3.00 14.17
C ALA A 126 9.77 -2.63 14.55
N ALA A 127 10.10 -2.78 15.83
CA ALA A 127 11.43 -2.46 16.31
C ALA A 127 12.50 -3.29 15.62
N SER A 128 12.25 -4.58 15.42
CA SER A 128 13.24 -5.45 14.79
C SER A 128 13.42 -5.23 13.28
N LEU A 129 12.33 -4.94 12.56
CA LEU A 129 12.37 -4.91 11.10
C LEU A 129 12.53 -3.52 10.49
N LEU A 130 12.18 -2.48 11.22
CA LEU A 130 12.30 -1.11 10.66
C LEU A 130 13.71 -0.56 10.87
N GLN A 131 14.66 -1.10 10.11
CA GLN A 131 16.06 -0.74 10.23
C GLN A 131 16.62 -0.41 8.87
N ALA A 132 17.52 0.57 8.82
CA ALA A 132 18.19 0.94 7.57
C ALA A 132 18.81 -0.24 6.88
N GLY A 133 18.57 -0.38 5.58
CA GLY A 133 19.13 -1.47 4.77
C GLY A 133 18.20 -2.65 4.61
N TYR A 134 17.32 -2.85 5.58
CA TYR A 134 16.29 -3.89 5.51
C TYR A 134 15.29 -3.57 4.41
N LYS A 135 14.98 -4.56 3.58
CA LYS A 135 14.11 -4.37 2.44
C LYS A 135 12.66 -4.74 2.76
N GLY A 136 11.75 -3.91 2.24
CA GLY A 136 10.35 -4.25 2.16
C GLY A 136 9.91 -4.25 0.72
N ARG A 137 8.61 -4.43 0.51
CA ARG A 137 8.04 -4.61 -0.81
C ARG A 137 6.85 -3.68 -0.99
N VAL A 138 6.82 -3.01 -2.14
CA VAL A 138 5.73 -2.08 -2.45
C VAL A 138 5.06 -2.61 -3.71
N THR A 139 3.74 -2.54 -3.74
CA THR A 139 2.94 -3.01 -4.86
C THR A 139 1.91 -1.97 -5.26
N GLY A 140 1.56 -1.95 -6.54
CA GLY A 140 0.46 -1.12 -6.99
C GLY A 140 0.30 -1.11 -8.51
N TRP A 141 -0.73 -0.42 -8.95
CA TRP A 141 -1.06 -0.25 -10.37
C TRP A 141 -0.77 1.18 -10.86
N GLY A 142 0.08 1.91 -10.14
CA GLY A 142 0.43 3.26 -10.54
C GLY A 142 1.36 3.34 -11.73
N ASN A 143 1.77 4.56 -12.08
CA ASN A 143 2.55 4.79 -13.28
C ASN A 143 3.90 4.08 -13.28
N LEU A 144 4.31 3.66 -14.47
CA LEU A 144 5.59 2.98 -14.66
C LEU A 144 6.75 3.96 -14.79
N LYS A 145 6.43 5.24 -14.95
CA LYS A 145 7.44 6.29 -14.95
C LYS A 145 6.81 7.65 -14.64
N GLU A 146 7.67 8.60 -14.31
CA GLU A 146 7.23 9.91 -13.85
C GLU A 146 6.43 10.69 -14.90
N THR A 147 6.84 10.60 -16.16
CA THR A 147 6.15 11.29 -17.25
C THR A 147 5.56 10.30 -18.25
N TRP A 148 6.19 9.92 -19.23
N LYS A 154 6.48 2.54 -21.06
CA LYS A 154 4.99 2.55 -21.03
C LYS A 154 4.47 3.48 -19.94
N GLY A 155 3.19 3.80 -20.00
CA GLY A 155 2.57 4.71 -19.03
C GLY A 155 2.04 3.94 -17.84
N GLN A 156 1.03 3.12 -18.08
CA GLN A 156 0.37 2.35 -17.03
C GLN A 156 0.55 0.86 -17.24
N PRO A 157 0.54 0.08 -16.13
CA PRO A 157 0.76 -1.36 -16.20
C PRO A 157 -0.49 -2.13 -16.58
N SER A 158 -0.30 -3.27 -17.23
CA SER A 158 -1.40 -4.18 -17.51
C SER A 158 -1.83 -4.91 -16.24
N VAL A 159 -0.85 -5.29 -15.43
CA VAL A 159 -1.11 -6.00 -14.18
C VAL A 159 -0.35 -5.39 -12.99
N LEU A 160 -0.74 -5.83 -11.80
CA LEU A 160 -0.12 -5.37 -10.56
C LEU A 160 1.41 -5.46 -10.62
N GLN A 161 2.06 -4.40 -10.16
CA GLN A 161 3.52 -4.32 -10.17
C GLN A 161 4.06 -4.47 -8.76
N VAL A 162 5.27 -4.99 -8.66
CA VAL A 162 5.95 -5.22 -7.39
C VAL A 162 7.39 -4.72 -7.45
N VAL A 163 7.87 -4.10 -6.38
CA VAL A 163 9.27 -3.76 -6.26
C VAL A 163 9.72 -3.84 -4.80
N ASN A 164 10.93 -4.38 -4.60
CA ASN A 164 11.53 -4.51 -3.28
C ASN A 164 12.52 -3.37 -3.08
N LEU A 165 12.41 -2.67 -1.94
CA LEU A 165 13.20 -1.47 -1.68
C LEU A 165 13.74 -1.43 -0.26
N PRO A 166 15.01 -1.02 -0.10
CA PRO A 166 15.57 -0.91 1.23
C PRO A 166 15.14 0.35 1.99
N ILE A 167 14.94 0.18 3.29
CA ILE A 167 14.68 1.30 4.19
C ILE A 167 15.96 2.15 4.24
N VAL A 168 15.80 3.46 4.19
CA VAL A 168 16.94 4.39 4.16
C VAL A 168 17.13 5.06 5.53
N GLU A 169 18.40 5.30 5.89
CA GLU A 169 18.75 5.98 7.14
C GLU A 169 18.08 7.34 7.23
N ARG A 170 17.63 7.72 8.44
CA ARG A 170 16.85 8.94 8.63
C ARG A 170 17.58 10.20 8.15
N PRO A 171 18.89 10.33 8.45
CA PRO A 171 19.65 11.50 7.96
C PRO A 171 19.67 11.63 6.44
N VAL A 172 19.77 10.50 5.74
CA VAL A 172 19.77 10.50 4.29
C VAL A 172 18.39 10.89 3.74
N CYS A 173 17.32 10.37 4.34
CA CYS A 173 15.96 10.80 4.01
C CYS A 173 15.81 12.33 4.19
N LYS A 174 16.22 12.83 5.34
CA LYS A 174 16.05 14.24 5.65
C LYS A 174 16.85 15.12 4.69
N ASP A 175 18.05 14.68 4.36
CA ASP A 175 18.95 15.45 3.48
C ASP A 175 18.59 15.39 2.01
N SER A 176 17.59 14.59 1.65
CA SER A 176 17.18 14.44 0.26
C SER A 176 16.09 15.42 -0.16
N THR A 177 15.56 16.18 0.80
CA THR A 177 14.34 16.95 0.59
C THR A 177 14.31 18.22 1.43
N ARG A 178 13.51 19.19 0.99
CA ARG A 178 13.25 20.39 1.79
C ARG A 178 12.03 20.23 2.69
N ILE A 179 11.25 19.17 2.46
CA ILE A 179 10.07 18.89 3.28
C ILE A 179 10.48 18.50 4.70
N ARG A 180 9.71 18.96 5.69
CA ARG A 180 9.96 18.61 7.09
C ARG A 180 9.55 17.15 7.33
N ILE A 181 10.50 16.31 7.67
CA ILE A 181 10.23 14.88 7.92
C ILE A 181 9.89 14.66 9.39
N THR A 182 8.95 13.77 9.67
CA THR A 182 8.52 13.51 11.05
C THR A 182 8.77 12.05 11.42
N ASP A 183 8.61 11.75 12.71
CA ASP A 183 8.73 10.40 13.21
C ASP A 183 7.61 9.49 12.69
N ASN A 184 6.56 10.05 12.09
CA ASN A 184 5.48 9.25 11.51
C ASN A 184 5.74 8.86 10.06
N MET A 185 6.96 9.12 9.59
CA MET A 185 7.36 8.83 8.23
C MET A 185 8.66 8.06 8.23
N PHE A 186 8.85 7.19 7.23
CA PHE A 186 10.18 6.70 6.90
C PHE A 186 10.35 6.75 5.39
N CYS A 187 11.59 6.67 4.91
CA CYS A 187 11.80 6.66 3.46
C CYS A 187 12.52 5.38 3.02
N ALA A 188 12.35 5.06 1.74
CA ALA A 188 12.89 3.82 1.18
C ALA A 188 13.27 4.00 -0.28
N GLY A 189 14.24 3.21 -0.72
CA GLY A 189 14.75 3.30 -2.09
C GLY A 189 16.25 3.15 -2.11
N TYR A 190 16.78 2.92 -3.31
CA TYR A 190 18.21 2.75 -3.50
C TYR A 190 18.89 4.12 -3.63
N LYS A 191 20.13 4.17 -3.18
CA LYS A 191 20.96 5.36 -3.32
C LYS A 191 21.51 5.40 -4.76
N PRO A 192 21.94 6.59 -5.23
CA PRO A 192 22.46 6.71 -6.61
C PRO A 192 23.60 5.75 -6.96
N ASP A 193 24.47 5.44 -6.00
CA ASP A 193 25.62 4.57 -6.27
C ASP A 193 25.26 3.08 -6.24
N GLU A 194 24.13 2.73 -5.63
CA GLU A 194 23.81 1.32 -5.35
C GLU A 194 23.51 0.47 -6.58
N GLY A 195 23.23 1.09 -7.73
CA GLY A 195 23.00 0.36 -8.97
C GLY A 195 21.53 0.06 -9.24
N LYS A 196 20.92 -0.78 -8.40
CA LYS A 196 19.50 -1.10 -8.50
C LYS A 196 18.66 0.18 -8.34
N ARG A 197 17.46 0.16 -8.92
CA ARG A 197 16.55 1.31 -8.85
C ARG A 197 15.16 0.87 -8.41
N GLY A 198 14.20 1.80 -8.44
CA GLY A 198 12.81 1.49 -8.16
C GLY A 198 12.14 2.48 -7.24
N ASP A 199 10.85 2.69 -7.45
CA ASP A 199 10.07 3.61 -6.64
C ASP A 199 8.60 3.32 -6.86
N ALA A 200 7.79 3.82 -5.94
CA ALA A 200 6.38 3.99 -6.17
C ALA A 200 6.20 5.22 -7.06
N CYS A 201 5.01 5.37 -7.62
CA CYS A 201 4.68 6.54 -8.43
C CYS A 201 3.21 6.88 -8.28
N GLU A 202 2.72 7.85 -9.06
CA GLU A 202 1.33 8.28 -8.95
C GLU A 202 0.41 7.11 -9.25
N GLY A 203 -0.59 6.94 -8.39
CA GLY A 203 -1.50 5.81 -8.49
C GLY A 203 -1.17 4.70 -7.50
N ASP A 204 0.08 4.65 -7.03
CA ASP A 204 0.50 3.68 -6.01
C ASP A 204 0.19 4.14 -4.59
N SER A 205 -0.09 5.44 -4.44
CA SER A 205 -0.42 6.04 -3.14
C SER A 205 -1.49 5.27 -2.42
N GLY A 206 -1.32 5.13 -1.11
CA GLY A 206 -2.27 4.44 -0.25
C GLY A 206 -1.98 2.94 -0.13
N GLY A 207 -1.16 2.41 -1.03
CA GLY A 207 -0.82 0.99 -1.04
C GLY A 207 0.18 0.64 0.05
N PRO A 208 0.42 -0.66 0.23
CA PRO A 208 1.25 -1.14 1.33
C PRO A 208 2.73 -1.28 1.02
N PHE A 209 3.55 -0.96 2.04
CA PHE A 209 4.95 -1.33 2.11
C PHE A 209 4.97 -2.48 3.14
N VAL A 210 5.29 -3.69 2.68
CA VAL A 210 5.23 -4.87 3.54
C VAL A 210 6.60 -5.47 3.74
N MET A 211 6.75 -6.19 4.85
CA MET A 211 7.97 -6.95 5.12
C MET A 211 7.57 -8.34 5.59
N LYS A 212 8.38 -9.34 5.26
CA LYS A 212 8.13 -10.69 5.74
C LYS A 212 8.96 -10.98 6.98
N SER A 213 8.27 -11.25 8.09
CA SER A 213 8.96 -11.49 9.34
C SER A 213 9.72 -12.82 9.25
N PRO A 214 11.03 -12.77 9.56
CA PRO A 214 11.83 -14.02 9.60
C PRO A 214 11.57 -14.84 10.87
N PHE A 215 10.83 -14.27 11.81
CA PHE A 215 10.52 -14.93 13.07
C PHE A 215 9.33 -15.86 12.93
N ASN A 216 8.29 -15.42 12.21
CA ASN A 216 7.06 -16.23 12.08
C ASN A 216 6.56 -16.43 10.66
N ASN A 217 7.37 -15.97 9.69
CA ASN A 217 7.07 -16.10 8.26
C ASN A 217 5.75 -15.47 7.83
N ARG A 218 5.32 -14.44 8.55
CA ARG A 218 4.10 -13.70 8.20
C ARG A 218 4.46 -12.34 7.61
N TRP A 219 3.62 -11.87 6.70
CA TRP A 219 3.75 -10.54 6.11
C TRP A 219 3.10 -9.46 6.97
N TYR A 220 3.84 -8.39 7.23
CA TYR A 220 3.37 -7.27 8.02
C TYR A 220 3.40 -5.99 7.20
N GLN A 221 2.38 -5.16 7.34
CA GLN A 221 2.40 -3.87 6.68
C GLN A 221 3.07 -2.83 7.57
N MET A 222 4.28 -2.44 7.18
CA MET A 222 5.08 -1.49 7.95
C MET A 222 4.81 -0.05 7.51
N GLY A 223 4.40 0.14 6.26
CA GLY A 223 4.18 1.49 5.74
C GLY A 223 3.06 1.60 4.75
N ILE A 224 2.66 2.85 4.51
CA ILE A 224 1.69 3.18 3.48
C ILE A 224 2.35 4.13 2.53
N VAL A 225 2.23 3.87 1.23
CA VAL A 225 2.78 4.76 0.19
C VAL A 225 2.20 6.16 0.38
N SER A 226 3.05 7.15 0.71
CA SER A 226 2.56 8.46 1.10
C SER A 226 2.94 9.57 0.13
N TRP A 227 4.22 9.86 -0.02
CA TRP A 227 4.62 10.93 -0.93
C TRP A 227 6.03 10.81 -1.48
N GLY A 228 6.25 11.55 -2.56
CA GLY A 228 7.56 11.64 -3.16
C GLY A 228 7.64 12.83 -4.08
N GLU A 229 8.85 13.15 -4.52
CA GLU A 229 9.10 14.29 -5.38
C GLU A 229 9.74 13.82 -6.69
N GLY A 230 8.50 13.53 -7.84
CA GLY A 230 8.83 12.67 -8.94
C GLY A 230 8.87 11.22 -8.53
N CYS A 231 9.36 10.39 -9.43
CA CYS A 231 9.38 8.95 -9.27
C CYS A 231 10.72 8.43 -9.74
N ASP A 232 11.41 7.73 -8.83
CA ASP A 232 12.64 7.05 -9.13
C ASP A 232 13.74 8.00 -9.62
N ARG A 233 13.78 9.20 -9.05
CA ARG A 233 14.87 10.14 -9.33
C ARG A 233 16.07 9.81 -8.47
N ASP A 234 17.27 9.92 -9.03
CA ASP A 234 18.49 9.74 -8.27
C ASP A 234 18.52 10.77 -7.15
N GLY A 235 18.94 10.33 -5.97
CA GLY A 235 19.07 11.21 -4.83
C GLY A 235 17.77 11.50 -4.08
N LYS A 236 16.63 11.01 -4.60
CA LYS A 236 15.33 11.14 -3.93
C LYS A 236 14.83 9.78 -3.49
N TYR A 237 13.90 9.80 -2.53
CA TYR A 237 13.36 8.59 -1.91
C TYR A 237 11.86 8.71 -1.75
N GLY A 238 11.17 7.58 -1.80
CA GLY A 238 9.75 7.54 -1.50
C GLY A 238 9.53 7.59 0.01
N PHE A 239 8.47 8.28 0.42
CA PHE A 239 8.14 8.38 1.84
C PHE A 239 6.88 7.61 2.13
N TYR A 240 6.91 6.97 3.29
CA TYR A 240 5.88 6.04 3.71
C TYR A 240 5.40 6.41 5.09
N THR A 241 4.09 6.32 5.28
CA THR A 241 3.50 6.44 6.62
C THR A 241 3.95 5.28 7.51
N HIS A 242 4.41 5.61 8.71
CA HIS A 242 4.97 4.65 9.67
C HIS A 242 3.81 4.04 10.43
N VAL A 243 3.36 2.88 9.97
CA VAL A 243 2.09 2.32 10.43
C VAL A 243 2.08 2.04 11.93
N PHE A 244 3.16 1.48 12.46
CA PHE A 244 3.16 1.14 13.88
C PHE A 244 2.97 2.38 14.76
N ARG A 245 3.54 3.51 14.33
CA ARG A 245 3.43 4.71 15.16
C ARG A 245 2.00 5.24 15.25
N LEU A 246 1.14 4.87 14.30
CA LEU A 246 -0.26 5.30 14.30
C LEU A 246 -1.22 4.15 14.66
N LYS A 247 -0.66 3.05 15.16
CA LYS A 247 -1.40 1.82 15.44
C LYS A 247 -2.44 2.03 16.55
N LYS A 248 -2.11 2.87 17.52
CA LYS A 248 -3.07 3.18 18.60
C LYS A 248 -4.34 3.82 18.06
N TRP A 249 -4.20 4.74 17.11
CA TRP A 249 -5.38 5.32 16.45
C TRP A 249 -6.15 4.25 15.67
N ILE A 250 -5.42 3.38 14.95
CA ILE A 250 -6.05 2.31 14.19
C ILE A 250 -6.91 1.42 15.09
N GLN A 251 -6.34 0.97 16.19
CA GLN A 251 -7.03 0.08 17.12
C GLN A 251 -8.23 0.76 17.76
N LYS A 252 -8.09 2.04 18.08
CA LYS A 252 -9.18 2.84 18.65
C LYS A 252 -10.38 2.86 17.72
N VAL A 253 -10.15 3.14 16.44
CA VAL A 253 -11.22 3.21 15.45
C VAL A 253 -11.92 1.86 15.27
N ILE A 254 -11.13 0.79 15.18
CA ILE A 254 -11.69 -0.54 14.99
C ILE A 254 -12.41 -0.99 16.27
N ASP A 255 -11.83 -0.71 17.43
CA ASP A 255 -12.46 -1.05 18.72
C ASP A 255 -13.78 -0.29 18.95
N GLN A 256 -13.83 0.96 18.51
CA GLN A 256 -14.99 1.81 18.74
C GLN A 256 -16.12 1.55 17.74
N PHE A 257 -15.77 1.50 16.45
CA PHE A 257 -16.75 1.43 15.38
C PHE A 257 -16.84 0.05 14.74
N GLY A 258 -16.10 -0.88 15.08
N GLY B 1 -12.34 4.81 -17.86
CA GLY B 1 -11.92 5.36 -19.18
C GLY B 1 -11.44 4.25 -20.10
N ASP B 2 -10.24 3.76 -19.83
CA ASP B 2 -9.72 2.54 -20.48
C ASP B 2 -9.90 1.34 -19.54
N PHE B 3 -10.72 1.52 -18.52
CA PHE B 3 -11.13 0.45 -17.62
C PHE B 3 -12.35 -0.26 -18.20
N GLU B 4 -12.43 -1.56 -17.99
CA GLU B 4 -13.61 -2.33 -18.38
C GLU B 4 -14.73 -1.97 -17.41
N GLU B 5 -15.94 -1.78 -17.94
CA GLU B 5 -17.10 -1.47 -17.13
C GLU B 5 -17.34 -2.56 -16.09
N ILE B 6 -17.61 -2.15 -14.87
CA ILE B 6 -17.95 -3.10 -13.80
C ILE B 6 -19.46 -3.31 -13.78
N PRO B 7 -19.92 -4.47 -13.26
CA PRO B 7 -21.35 -4.72 -13.12
C PRO B 7 -22.13 -3.58 -12.45
N GLU B 8 -23.28 -3.23 -13.04
CA GLU B 8 -24.11 -2.12 -12.56
C GLU B 8 -24.53 -2.27 -11.11
N GLU B 9 -24.68 -3.51 -10.66
CA GLU B 9 -25.05 -3.80 -9.27
C GLU B 9 -24.17 -3.08 -8.24
N TYS B 10 -22.90 -2.85 -8.57
CA TYS B 10 -21.96 -2.21 -7.63
CB TYS B 10 -20.52 -2.67 -7.92
CG TYS B 10 -20.35 -4.17 -7.83
CD1 TYS B 10 -20.67 -4.86 -6.66
CD2 TYS B 10 -19.87 -4.89 -8.92
CE1 TYS B 10 -20.51 -6.24 -6.58
CE2 TYS B 10 -19.71 -6.27 -8.85
CZ TYS B 10 -20.03 -6.93 -7.68
OH TYS B 10 -19.89 -8.30 -7.63
S TYS B 10 -18.40 -8.84 -7.30
O1 TYS B 10 -17.41 -8.32 -8.32
O2 TYS B 10 -18.08 -8.44 -5.87
O3 TYS B 10 -18.49 -10.35 -7.39
C TYS B 10 -22.04 -0.68 -7.69
O TYS B 10 -21.56 -0.01 -6.78
N LEU B 11 -22.62 -0.15 -8.77
CA LEU B 11 -22.78 1.30 -8.92
C LEU B 11 -24.12 1.77 -8.37
N ALA C 7 -5.53 -13.48 13.04
CA ALA C 7 -5.11 -14.87 13.43
C ALA C 7 -4.41 -15.56 12.28
N ASP C 8 -5.03 -15.51 11.11
CA ASP C 8 -4.47 -16.08 9.88
C ASP C 8 -3.76 -15.02 9.01
N CYS C 9 -3.67 -13.80 9.51
CA CYS C 9 -3.13 -12.67 8.73
C CYS C 9 -1.72 -12.96 8.23
N GLY C 10 -1.41 -12.42 7.06
CA GLY C 10 -0.06 -12.40 6.56
C GLY C 10 0.45 -13.72 6.02
N LEU C 11 -0.42 -14.72 5.92
CA LEU C 11 -0.05 -16.02 5.36
C LEU C 11 -0.84 -16.24 4.08
N ARG C 12 -0.14 -16.26 2.95
CA ARG C 12 -0.79 -16.23 1.64
C ARG C 12 -1.21 -17.64 1.22
N PRO C 13 -2.49 -17.82 0.86
CA PRO C 13 -2.96 -19.14 0.40
C PRO C 13 -2.10 -19.80 -0.67
N LEU C 14 -1.58 -19.03 -1.63
CA LEU C 14 -0.84 -19.62 -2.74
C LEU C 14 0.67 -19.72 -2.49
N PHE C 15 1.12 -19.25 -1.32
CA PHE C 15 2.53 -19.30 -0.98
C PHE C 15 2.77 -19.91 0.40
N GLU C 16 2.66 -19.14 1.48
CA GLU C 16 2.99 -19.67 2.80
C GLU C 16 2.12 -20.86 3.16
N LYS C 17 0.83 -20.80 2.85
CA LYS C 17 -0.10 -21.86 3.21
C LYS C 17 0.23 -23.18 2.50
N LYS C 18 0.93 -23.10 1.35
CA LYS C 18 1.37 -24.29 0.59
C LYS C 18 2.87 -24.56 0.66
N SER C 19 3.59 -23.79 1.47
CA SER C 19 5.05 -23.82 1.54
C SER C 19 5.71 -23.59 0.18
N LEU C 20 5.18 -22.62 -0.56
CA LEU C 20 5.79 -22.16 -1.80
C LEU C 20 6.33 -20.74 -1.58
N GLU C 21 7.51 -20.48 -2.12
CA GLU C 21 8.14 -19.16 -2.06
C GLU C 21 7.83 -18.41 -3.34
N ASP C 22 7.63 -17.10 -3.24
CA ASP C 22 7.54 -16.29 -4.45
C ASP C 22 8.96 -15.98 -4.96
N LYS C 23 9.06 -15.47 -6.18
CA LYS C 23 10.36 -15.36 -6.89
C LYS C 23 11.41 -14.41 -6.27
N THR C 24 10.98 -13.46 -5.44
CA THR C 24 11.92 -12.48 -4.88
C THR C 24 11.82 -12.27 -3.35
N GLU C 25 11.02 -13.05 -2.64
CA GLU C 25 10.94 -12.87 -1.18
C GLU C 25 12.27 -13.13 -0.48
N ARG C 26 13.10 -14.00 -1.05
CA ARG C 26 14.41 -14.28 -0.45
C ARG C 26 15.29 -13.02 -0.38
N GLU C 27 15.12 -12.11 -1.35
CA GLU C 27 15.83 -10.81 -1.35
C GLU C 27 15.56 -10.05 -0.06
N LEU C 28 14.31 -10.12 0.42
CA LEU C 28 13.97 -9.45 1.67
C LEU C 28 14.68 -10.13 2.85
N LEU C 29 14.56 -11.45 2.92
CA LEU C 29 15.17 -12.24 4.00
C LEU C 29 16.66 -12.00 4.10
N GLU C 30 17.32 -11.99 2.94
CA GLU C 30 18.76 -11.81 2.88
C GLU C 30 19.21 -10.43 3.38
N SER C 31 18.32 -9.45 3.28
CA SER C 31 18.61 -8.09 3.79
C SER C 31 18.51 -7.96 5.32
N TYR C 32 17.86 -8.92 5.98
CA TYR C 32 17.63 -8.83 7.43
C TYR C 32 18.83 -9.38 8.22
N ILE C 33 19.93 -8.64 8.14
CA ILE C 33 21.21 -9.05 8.72
C ILE C 33 21.39 -8.52 10.14
N ASP C 34 20.94 -7.43 10.50
O1 C2D D . 3.61 13.00 -3.22
CL2 C2D D . 6.19 6.93 -1.94
CL3 C2D D . -0.93 14.75 -2.00
C4 C2D D . 7.01 7.88 -4.42
C5 C2D D . 6.79 8.63 -5.63
C6 C2D D . 5.98 7.82 -3.42
C7 C2D D . 5.55 9.32 -5.80
C8 C2D D . 4.76 8.50 -3.61
C9 C2D D . 4.56 9.25 -4.81
S10 C2D D . 5.01 10.27 -7.03
C11 C2D D . 3.57 10.56 -6.37
C12 C2D D . 3.43 9.96 -5.12
C13 C2D D . 2.25 10.01 -4.17
N14 C2D D . 1.07 10.72 -4.68
C15 C2D D . 0.66 12.08 -4.19
C16 C2D D . 0.99 12.46 -2.70
C17 C2D D . 0.75 14.97 -2.34
N18 C2D D . 1.55 13.83 -2.65
C19 C2D D . 1.30 16.21 -2.31
C20 C2D D . 2.92 13.97 -2.95
N21 C2D D . 2.77 16.38 -2.61
C22 C2D D . 3.52 15.35 -2.91
N23 C2D D . 4.87 15.50 -3.19
C24 C2D D . 5.72 16.72 -3.23
C25 C2D D . 6.36 17.03 -1.85
C26 C2D D . 4.53 18.49 -0.84
C27 C2D D . 5.30 17.32 -0.82
C28 C2D D . 3.54 18.69 0.16
N29 C2D D . 5.07 16.37 0.19
C30 C2D D . 3.33 17.73 1.16
C31 C2D D . 4.09 16.57 1.18
#